data_1ME4
#
_entry.id   1ME4
#
_cell.length_a   42.523
_cell.length_b   51.712
_cell.length_c   46.040
_cell.angle_alpha   90.00
_cell.angle_beta   116.53
_cell.angle_gamma   90.00
#
_symmetry.space_group_name_H-M   'P 1 21 1'
#
loop_
_entity.id
_entity.type
_entity.pdbx_description
1 polymer CRUZIPAIN
2 non-polymer '[1-(1-BENZYL-3-HYDROXY-2-OXO-PROPYLCARBAMOYL)-2-PHENYL-ETHYL]-CARBAMIC ACID BENZYL ESTER'
3 water water
#
_entity_poly.entity_id   1
_entity_poly.type   'polypeptide(L)'
_entity_poly.pdbx_seq_one_letter_code
;APAAVDWRARGAVTAVKDQGQCGSCWAFSAIGNVECQWFLAGHPLTNLSEQMLVSCDKTDSGCSGGLMNNAFEWIVQENN
GAVYTEDSYPYASGEGISPPCTTSGHTVGATITGHVELPQDEAQIAAWLAVNGPVAVAVDASSWMTYTGGVMTSCVSEQL
DHGVLLVGYNDSAAVPYWIIKNSWTTQWGEEGYIRIAKGSNQCLVKEEASSAVVG
;
_entity_poly.pdbx_strand_id   A
#
loop_
_chem_comp.id
_chem_comp.type
_chem_comp.name
_chem_comp.formula
T10 non-polymer '[1-(1-BENZYL-3-HYDROXY-2-OXO-PROPYLCARBAMOYL)-2-PHENYL-ETHYL]-CARBAMIC ACID BENZYL ESTER' 'C27 H28 N2 O5'
#
# COMPACT_ATOMS: atom_id res chain seq x y z
N ALA A 1 12.84 -10.28 16.22
CA ALA A 1 11.52 -10.36 15.54
C ALA A 1 11.14 -11.82 15.33
N PRO A 2 9.84 -12.14 15.15
CA PRO A 2 9.48 -13.49 14.77
C PRO A 2 10.17 -13.94 13.47
N ALA A 3 10.35 -15.22 13.28
CA ALA A 3 10.96 -15.74 12.05
C ALA A 3 10.12 -15.43 10.81
N ALA A 4 8.81 -15.41 10.94
CA ALA A 4 7.90 -15.20 9.81
C ALA A 4 6.63 -14.53 10.29
N VAL A 5 6.05 -13.69 9.42
CA VAL A 5 4.75 -13.00 9.65
C VAL A 5 3.97 -12.99 8.34
N ASP A 6 2.68 -13.30 8.34
CA ASP A 6 1.82 -13.16 7.13
C ASP A 6 0.47 -12.61 7.56
N TRP A 7 0.27 -11.29 7.42
CA TRP A 7 -0.95 -10.64 7.85
C TRP A 7 -2.18 -11.03 7.05
N ARG A 8 -2.00 -11.62 5.85
CA ARG A 8 -3.12 -12.05 5.01
C ARG A 8 -3.99 -13.10 5.71
N ALA A 9 -3.38 -13.94 6.55
CA ALA A 9 -4.06 -15.04 7.21
C ALA A 9 -4.65 -14.63 8.58
N ARG A 10 -4.51 -13.35 8.95
CA ARG A 10 -4.82 -12.87 10.30
C ARG A 10 -5.90 -11.78 10.25
N GLY A 11 -6.73 -11.76 9.21
CA GLY A 11 -7.88 -10.88 9.10
C GLY A 11 -7.63 -9.44 8.80
N ALA A 12 -6.38 -9.07 8.47
CA ALA A 12 -6.01 -7.67 8.39
C ALA A 12 -5.93 -7.10 6.97
N VAL A 13 -6.09 -7.88 5.91
CA VAL A 13 -5.82 -7.41 4.54
C VAL A 13 -7.06 -7.62 3.67
N THR A 14 -7.51 -6.56 2.95
CA THR A 14 -8.68 -6.63 2.07
C THR A 14 -8.26 -7.30 0.75
N ALA A 15 -9.25 -7.51 -0.13
CA ALA A 15 -8.99 -8.14 -1.43
C ALA A 15 -8.01 -7.35 -2.31
N VAL A 16 -7.36 -8.02 -3.23
CA VAL A 16 -6.54 -7.40 -4.29
C VAL A 16 -7.39 -6.62 -5.26
N LYS A 17 -6.91 -5.42 -5.62
CA LYS A 17 -7.56 -4.47 -6.51
C LYS A 17 -6.91 -4.38 -7.89
N ASP A 18 -7.54 -3.54 -8.75
CA ASP A 18 -7.09 -3.23 -10.07
C ASP A 18 -7.05 -1.69 -10.26
N GLN A 19 -5.87 -1.05 -10.33
CA GLN A 19 -5.78 0.40 -10.55
C GLN A 19 -6.21 0.81 -11.98
N GLY A 20 -6.26 -0.12 -12.91
CA GLY A 20 -6.65 0.16 -14.30
C GLY A 20 -5.62 1.04 -14.99
N GLN A 21 -6.09 1.91 -15.89
CA GLN A 21 -5.22 2.74 -16.72
C GLN A 21 -4.75 4.00 -16.04
N CYS A 22 -5.06 4.27 -14.83
CA CYS A 22 -4.66 5.41 -14.03
C CYS A 22 -3.33 5.17 -13.32
N GLY A 23 -2.51 6.23 -13.23
CA GLY A 23 -1.29 6.26 -12.43
C GLY A 23 -1.56 6.54 -10.95
N SER A 24 -2.37 5.68 -10.32
CA SER A 24 -2.89 5.84 -8.96
C SER A 24 -2.32 4.83 -7.96
N CYS A 25 -1.22 4.16 -8.28
CA CYS A 25 -0.61 3.21 -7.35
C CYS A 25 -0.35 3.79 -5.96
N TRP A 26 0.06 5.06 -5.92
CA TRP A 26 0.28 5.77 -4.64
C TRP A 26 -0.94 5.74 -3.73
N ALA A 27 -2.14 5.91 -4.34
CA ALA A 27 -3.39 5.91 -3.60
C ALA A 27 -3.75 4.50 -3.12
N PHE A 28 -3.53 3.47 -3.99
CA PHE A 28 -3.76 2.06 -3.57
C PHE A 28 -2.84 1.70 -2.42
N SER A 29 -1.57 2.13 -2.46
CA SER A 29 -0.61 1.85 -1.37
C SER A 29 -1.06 2.50 -0.07
N ALA A 30 -1.36 3.81 -0.12
CA ALA A 30 -1.77 4.55 1.10
C ALA A 30 -3.08 3.98 1.68
N ILE A 31 -4.12 3.76 0.85
CA ILE A 31 -5.39 3.27 1.35
C ILE A 31 -5.25 1.84 1.87
N GLY A 32 -4.51 0.99 1.19
CA GLY A 32 -4.33 -0.40 1.69
C GLY A 32 -3.71 -0.38 3.07
N ASN A 33 -2.69 0.47 3.28
CA ASN A 33 -2.11 0.66 4.60
C ASN A 33 -3.13 1.12 5.62
N VAL A 34 -3.93 2.13 5.30
CA VAL A 34 -4.95 2.60 6.27
C VAL A 34 -5.93 1.48 6.63
N GLU A 35 -6.38 0.73 5.63
CA GLU A 35 -7.33 -0.38 5.86
C GLU A 35 -6.79 -1.31 6.94
N CYS A 36 -5.50 -1.72 6.78
CA CYS A 36 -4.85 -2.67 7.67
C CYS A 36 -4.67 -2.06 9.08
N GLN A 37 -4.21 -0.82 9.14
CA GLN A 37 -4.00 -0.17 10.43
C GLN A 37 -5.29 0.04 11.20
N TRP A 38 -6.38 0.35 10.48
CA TRP A 38 -7.69 0.53 11.11
C TRP A 38 -8.17 -0.79 11.75
N PHE A 39 -8.03 -1.90 11.04
CA PHE A 39 -8.42 -3.22 11.57
C PHE A 39 -7.59 -3.54 12.81
N LEU A 40 -6.28 -3.33 12.76
CA LEU A 40 -5.37 -3.73 13.83
C LEU A 40 -5.53 -2.87 15.07
N ALA A 41 -6.19 -1.70 14.98
CA ALA A 41 -6.61 -0.86 16.06
C ALA A 41 -7.89 -1.36 16.74
N GLY A 42 -8.44 -2.48 16.31
CA GLY A 42 -9.63 -3.02 16.95
C GLY A 42 -10.96 -2.64 16.33
N HIS A 43 -10.94 -2.23 15.06
CA HIS A 43 -12.15 -1.88 14.31
C HIS A 43 -12.42 -2.90 13.21
N PRO A 44 -13.65 -3.00 12.73
CA PRO A 44 -13.92 -3.96 11.66
C PRO A 44 -13.12 -3.70 10.39
N LEU A 45 -12.75 -4.79 9.69
CA LEU A 45 -12.03 -4.68 8.42
C LEU A 45 -13.01 -4.07 7.40
N THR A 46 -12.70 -2.87 6.93
CA THR A 46 -13.55 -2.02 6.09
C THR A 46 -12.85 -1.67 4.79
N ASN A 47 -13.59 -1.74 3.69
CA ASN A 47 -13.11 -1.30 2.38
C ASN A 47 -13.17 0.20 2.25
N LEU A 48 -12.03 0.85 1.95
CA LEU A 48 -11.86 2.31 1.95
C LEU A 48 -11.57 2.86 0.53
N SER A 49 -11.70 4.20 0.36
CA SER A 49 -11.75 4.82 -0.96
C SER A 49 -10.46 5.40 -1.50
N GLU A 50 -9.85 4.76 -2.52
CA GLU A 50 -8.80 5.36 -3.30
C GLU A 50 -9.29 6.59 -4.06
N GLN A 51 -10.54 6.59 -4.53
CA GLN A 51 -11.06 7.71 -5.34
C GLN A 51 -11.02 9.03 -4.58
N MET A 52 -11.28 9.00 -3.27
CA MET A 52 -11.14 10.21 -2.41
C MET A 52 -9.76 10.86 -2.64
N LEU A 53 -8.68 10.06 -2.58
CA LEU A 53 -7.35 10.61 -2.82
C LEU A 53 -7.14 11.07 -4.27
N VAL A 54 -7.45 10.17 -5.23
CA VAL A 54 -7.18 10.49 -6.64
C VAL A 54 -7.87 11.79 -7.04
N SER A 55 -9.15 11.99 -6.69
CA SER A 55 -9.85 13.24 -7.07
C SER A 55 -9.71 14.43 -6.14
N CYS A 56 -9.52 14.22 -4.82
CA CYS A 56 -9.63 15.32 -3.86
C CYS A 56 -8.29 15.76 -3.26
N ASP A 57 -7.26 14.94 -3.24
CA ASP A 57 -5.94 15.30 -2.70
C ASP A 57 -5.15 16.05 -3.78
N LYS A 58 -5.23 17.40 -3.71
CA LYS A 58 -4.64 18.27 -4.72
C LYS A 58 -3.18 18.51 -4.43
N THR A 59 -2.61 17.92 -3.37
CA THR A 59 -1.18 17.88 -3.10
C THR A 59 -0.49 16.74 -3.82
N ASP A 60 -1.26 15.85 -4.46
CA ASP A 60 -0.81 14.81 -5.37
C ASP A 60 -1.40 15.07 -6.76
N SER A 61 -1.09 14.23 -7.74
CA SER A 61 -1.38 14.53 -9.16
C SER A 61 -2.26 13.50 -9.83
N GLY A 62 -3.25 13.00 -9.09
CA GLY A 62 -4.30 12.21 -9.72
C GLY A 62 -3.78 10.98 -10.44
N CYS A 63 -4.19 10.83 -11.72
CA CYS A 63 -3.72 9.73 -12.56
C CYS A 63 -2.32 9.95 -13.16
N SER A 64 -1.67 11.08 -12.82
CA SER A 64 -0.28 11.29 -13.19
C SER A 64 0.71 10.92 -12.11
N GLY A 65 0.31 10.53 -10.93
CA GLY A 65 1.18 10.07 -9.86
C GLY A 65 1.01 10.82 -8.56
N GLY A 66 1.77 10.35 -7.54
CA GLY A 66 1.72 10.96 -6.21
C GLY A 66 2.62 10.22 -5.24
N LEU A 67 2.63 10.69 -4.00
CA LEU A 67 3.47 10.17 -2.92
C LEU A 67 2.60 9.73 -1.75
N MET A 68 2.81 8.54 -1.21
CA MET A 68 2.06 8.08 -0.05
C MET A 68 2.16 9.06 1.15
N ASN A 69 3.36 9.60 1.38
CA ASN A 69 3.48 10.53 2.53
C ASN A 69 2.69 11.81 2.30
N ASN A 70 2.61 12.31 1.06
CA ASN A 70 1.76 13.47 0.81
C ASN A 70 0.30 13.12 1.12
N ALA A 71 -0.14 11.94 0.70
CA ALA A 71 -1.51 11.49 0.90
C ALA A 71 -1.84 11.41 2.38
N PHE A 72 -0.97 10.81 3.20
CA PHE A 72 -1.22 10.72 4.65
C PHE A 72 -1.33 12.09 5.29
N GLU A 73 -0.49 13.04 4.83
CA GLU A 73 -0.51 14.41 5.34
C GLU A 73 -1.79 15.13 4.90
N TRP A 74 -2.25 14.96 3.67
CA TRP A 74 -3.50 15.58 3.19
C TRP A 74 -4.69 15.11 4.02
N ILE A 75 -4.76 13.80 4.31
CA ILE A 75 -5.88 13.26 5.07
C ILE A 75 -6.02 13.99 6.39
N VAL A 76 -4.89 14.15 7.10
CA VAL A 76 -4.93 14.78 8.42
C VAL A 76 -5.06 16.32 8.35
N GLN A 77 -4.33 16.99 7.50
CA GLN A 77 -4.28 18.44 7.45
C GLN A 77 -5.47 19.04 6.73
N GLU A 78 -5.99 18.44 5.67
CA GLU A 78 -7.06 19.00 4.86
C GLU A 78 -8.40 18.27 4.96
N ASN A 79 -8.43 17.00 5.37
CA ASN A 79 -9.65 16.21 5.42
C ASN A 79 -10.04 15.75 6.80
N ASN A 80 -9.59 16.44 7.86
CA ASN A 80 -10.00 16.18 9.23
C ASN A 80 -9.73 14.76 9.72
N GLY A 81 -8.72 14.11 9.12
CA GLY A 81 -8.36 12.72 9.45
C GLY A 81 -9.18 11.65 8.79
N ALA A 82 -10.18 12.05 8.00
CA ALA A 82 -11.18 11.09 7.46
C ALA A 82 -10.77 10.39 6.19
N VAL A 83 -11.14 9.10 6.13
CA VAL A 83 -11.01 8.25 4.98
C VAL A 83 -12.40 7.64 4.70
N TYR A 84 -12.99 7.98 3.54
CA TYR A 84 -14.34 7.49 3.21
C TYR A 84 -14.37 6.02 2.87
N THR A 85 -15.54 5.37 3.03
CA THR A 85 -15.75 4.01 2.59
C THR A 85 -15.67 3.96 1.05
N GLU A 86 -15.21 2.80 0.53
CA GLU A 86 -15.29 2.48 -0.88
C GLU A 86 -16.73 2.61 -1.40
N ASP A 87 -17.69 2.06 -0.65
CA ASP A 87 -19.07 2.01 -1.16
C ASP A 87 -19.66 3.39 -1.37
N SER A 88 -19.32 4.40 -0.62
CA SER A 88 -19.80 5.74 -0.55
C SER A 88 -18.97 6.64 -1.47
N TYR A 89 -17.81 6.22 -1.93
CA TYR A 89 -16.96 6.96 -2.88
C TYR A 89 -16.21 5.95 -3.75
N PRO A 90 -16.90 5.26 -4.65
CA PRO A 90 -16.30 4.10 -5.36
C PRO A 90 -15.24 4.50 -6.40
N TYR A 91 -14.39 3.58 -6.81
CA TYR A 91 -13.33 3.86 -7.76
C TYR A 91 -13.92 4.22 -9.11
N ALA A 92 -13.46 5.35 -9.65
CA ALA A 92 -13.98 6.00 -10.85
C ALA A 92 -12.92 6.34 -11.89
N SER A 93 -11.69 5.87 -11.70
CA SER A 93 -10.53 6.28 -12.50
C SER A 93 -9.95 5.19 -13.36
N GLY A 94 -10.60 4.03 -13.49
CA GLY A 94 -10.02 2.96 -14.29
C GLY A 94 -9.79 3.27 -15.75
N GLU A 95 -10.54 4.24 -16.35
CA GLU A 95 -10.28 4.66 -17.74
C GLU A 95 -9.07 5.59 -17.85
N GLY A 96 -8.50 6.06 -16.76
CA GLY A 96 -7.29 6.84 -16.80
C GLY A 96 -7.40 8.32 -16.54
N ILE A 97 -8.58 8.80 -16.21
CA ILE A 97 -8.79 10.20 -15.84
C ILE A 97 -9.30 10.31 -14.40
N SER A 98 -9.07 11.37 -13.71
CA SER A 98 -9.53 11.69 -12.37
C SER A 98 -10.70 12.67 -12.45
N PRO A 99 -11.93 12.25 -12.20
CA PRO A 99 -13.06 13.16 -12.25
C PRO A 99 -13.02 14.20 -11.15
N PRO A 100 -13.74 15.31 -11.25
CA PRO A 100 -13.74 16.36 -10.22
C PRO A 100 -14.13 15.80 -8.84
N CYS A 101 -13.47 16.31 -7.80
CA CYS A 101 -13.78 15.97 -6.41
C CYS A 101 -15.25 16.26 -6.04
N THR A 102 -15.88 15.31 -5.39
CA THR A 102 -17.22 15.41 -4.81
C THR A 102 -17.03 15.68 -3.31
N THR A 103 -17.49 16.82 -2.75
CA THR A 103 -17.16 17.25 -1.40
C THR A 103 -18.30 16.98 -0.40
N SER A 104 -19.31 16.19 -0.75
CA SER A 104 -20.36 15.73 0.14
C SER A 104 -20.91 14.41 -0.41
N GLY A 105 -21.82 13.76 0.33
CA GLY A 105 -22.42 12.54 -0.11
C GLY A 105 -21.59 11.28 0.15
N HIS A 106 -20.65 11.36 1.11
CA HIS A 106 -19.81 10.22 1.47
C HIS A 106 -19.92 10.03 2.97
N THR A 107 -19.56 8.91 3.50
CA THR A 107 -19.50 8.37 4.82
C THR A 107 -18.10 7.93 5.23
N VAL A 108 -17.68 8.41 6.39
CA VAL A 108 -16.36 8.11 6.93
C VAL A 108 -16.28 6.64 7.36
N GLY A 109 -15.28 5.88 6.88
CA GLY A 109 -15.05 4.53 7.30
C GLY A 109 -13.89 4.31 8.26
N ALA A 110 -12.94 5.24 8.34
CA ALA A 110 -11.77 5.18 9.19
C ALA A 110 -11.26 6.61 9.43
N THR A 111 -10.51 6.80 10.51
CA THR A 111 -9.76 8.03 10.72
C THR A 111 -8.31 7.71 11.12
N ILE A 112 -7.41 8.61 10.75
CA ILE A 112 -5.98 8.52 11.17
C ILE A 112 -5.56 9.81 11.86
N THR A 113 -4.51 9.74 12.68
CA THR A 113 -4.03 10.91 13.43
C THR A 113 -2.73 11.44 12.86
N GLY A 114 -2.01 10.65 12.04
CA GLY A 114 -0.70 11.06 11.54
C GLY A 114 -0.07 9.89 10.78
N HIS A 115 1.25 9.95 10.59
CA HIS A 115 1.99 8.88 9.95
C HIS A 115 3.42 8.87 10.45
N VAL A 116 4.13 7.75 10.25
CA VAL A 116 5.54 7.61 10.57
C VAL A 116 6.28 7.15 9.33
N GLU A 117 7.50 7.63 9.16
CA GLU A 117 8.43 7.26 8.09
C GLU A 117 9.45 6.31 8.70
N LEU A 118 9.54 5.06 8.21
CA LEU A 118 10.36 4.01 8.77
C LEU A 118 11.80 4.08 8.31
N PRO A 119 12.73 3.49 9.09
CA PRO A 119 14.16 3.51 8.67
C PRO A 119 14.43 2.79 7.34
N GLN A 120 15.53 3.19 6.71
CA GLN A 120 15.96 2.56 5.45
C GLN A 120 16.80 1.30 5.74
N ASP A 121 16.12 0.31 6.32
CA ASP A 121 16.77 -0.89 6.84
C ASP A 121 15.75 -2.02 6.85
N GLU A 122 16.02 -3.09 6.12
CA GLU A 122 15.04 -4.16 5.99
C GLU A 122 14.74 -4.88 7.31
N ALA A 123 15.73 -5.16 8.14
CA ALA A 123 15.48 -5.82 9.45
C ALA A 123 14.64 -4.91 10.35
N GLN A 124 14.88 -3.59 10.35
CA GLN A 124 14.11 -2.65 11.16
C GLN A 124 12.67 -2.52 10.66
N ILE A 125 12.44 -2.51 9.34
CA ILE A 125 11.09 -2.51 8.77
C ILE A 125 10.36 -3.78 9.19
N ALA A 126 11.00 -4.96 9.10
CA ALA A 126 10.35 -6.23 9.47
C ALA A 126 9.95 -6.23 10.92
N ALA A 127 10.83 -5.75 11.81
CA ALA A 127 10.52 -5.72 13.22
C ALA A 127 9.28 -4.86 13.52
N TRP A 128 9.17 -3.70 12.84
CA TRP A 128 8.03 -2.81 13.02
C TRP A 128 6.75 -3.50 12.50
N LEU A 129 6.83 -4.10 11.30
CA LEU A 129 5.69 -4.78 10.68
C LEU A 129 5.18 -5.93 11.54
N ALA A 130 6.09 -6.66 12.19
CA ALA A 130 5.65 -7.83 12.99
C ALA A 130 4.71 -7.45 14.12
N VAL A 131 4.83 -6.25 14.67
CA VAL A 131 4.04 -5.76 15.81
C VAL A 131 2.91 -4.85 15.32
N ASN A 132 3.19 -3.91 14.43
CA ASN A 132 2.26 -2.84 14.08
C ASN A 132 1.54 -3.05 12.76
N GLY A 133 1.91 -4.04 11.94
CA GLY A 133 1.16 -4.37 10.74
C GLY A 133 1.76 -3.92 9.41
N PRO A 134 1.00 -4.15 8.32
CA PRO A 134 1.43 -3.82 6.94
C PRO A 134 1.88 -2.38 6.75
N VAL A 135 2.90 -2.23 5.86
CA VAL A 135 3.68 -0.99 5.64
C VAL A 135 3.60 -0.57 4.17
N ALA A 136 3.33 0.71 3.89
CA ALA A 136 3.38 1.25 2.50
C ALA A 136 4.81 1.41 2.07
N VAL A 137 5.17 0.91 0.87
CA VAL A 137 6.52 1.07 0.34
C VAL A 137 6.47 1.45 -1.14
N ALA A 138 7.53 2.11 -1.60
CA ALA A 138 7.80 2.31 -3.02
C ALA A 138 8.85 1.29 -3.51
N VAL A 139 8.73 0.88 -4.76
CA VAL A 139 9.68 -0.01 -5.43
C VAL A 139 9.99 0.50 -6.83
N ASP A 140 11.06 0.00 -7.43
CA ASP A 140 11.29 -0.01 -8.88
C ASP A 140 10.54 -1.23 -9.42
N ALA A 141 9.42 -1.03 -10.13
CA ALA A 141 8.63 -2.12 -10.69
C ALA A 141 8.98 -2.44 -12.13
N SER A 142 10.06 -1.91 -12.66
CA SER A 142 10.35 -2.06 -14.09
C SER A 142 10.51 -3.52 -14.45
N SER A 143 11.01 -4.43 -13.63
CA SER A 143 11.11 -5.86 -13.88
C SER A 143 9.86 -6.68 -13.57
N TRP A 144 8.85 -6.04 -12.97
CA TRP A 144 7.68 -6.77 -12.49
C TRP A 144 6.76 -7.26 -13.62
N MET A 145 6.93 -6.78 -14.84
CA MET A 145 6.20 -7.23 -16.01
C MET A 145 6.69 -8.62 -16.48
N THR A 146 7.69 -9.19 -15.83
CA THR A 146 8.12 -10.55 -16.11
C THR A 146 7.77 -11.55 -15.00
N TYR A 147 7.17 -11.10 -13.89
CA TYR A 147 7.00 -11.97 -12.73
C TYR A 147 5.88 -12.98 -12.96
N THR A 148 6.14 -14.26 -12.66
CA THR A 148 5.10 -15.30 -12.75
C THR A 148 4.86 -16.07 -11.47
N GLY A 149 5.63 -15.93 -10.41
CA GLY A 149 5.50 -16.60 -9.17
C GLY A 149 6.83 -17.01 -8.59
N GLY A 150 6.78 -17.58 -7.40
CA GLY A 150 8.01 -17.88 -6.67
C GLY A 150 8.62 -16.65 -6.06
N VAL A 151 9.86 -16.79 -5.54
CA VAL A 151 10.63 -15.65 -5.02
C VAL A 151 11.49 -15.10 -6.16
N MET A 152 11.18 -13.85 -6.55
CA MET A 152 11.91 -13.26 -7.67
C MET A 152 13.36 -13.10 -7.30
N THR A 153 14.27 -13.27 -8.27
CA THR A 153 15.70 -12.91 -8.06
C THR A 153 16.11 -11.74 -8.91
N SER A 154 17.12 -10.95 -8.57
CA SER A 154 17.80 -10.07 -9.51
C SER A 154 16.80 -8.99 -9.98
N CYS A 155 16.01 -8.40 -9.08
CA CYS A 155 15.05 -7.34 -9.40
C CYS A 155 15.83 -6.12 -9.88
N VAL A 156 15.43 -5.47 -10.98
CA VAL A 156 16.08 -4.24 -11.39
C VAL A 156 15.82 -3.16 -10.35
N SER A 157 16.89 -2.53 -9.85
CA SER A 157 16.85 -1.65 -8.67
C SER A 157 17.51 -0.31 -8.93
N GLU A 158 16.90 0.49 -9.81
CA GLU A 158 17.47 1.70 -10.33
C GLU A 158 16.71 2.98 -9.95
N GLN A 159 15.39 2.93 -10.03
CA GLN A 159 14.57 4.14 -9.78
C GLN A 159 13.20 3.78 -9.23
N LEU A 160 12.85 4.33 -8.08
CA LEU A 160 11.53 4.12 -7.50
C LEU A 160 10.45 4.65 -8.47
N ASP A 161 9.38 3.87 -8.74
CA ASP A 161 8.30 4.29 -9.63
C ASP A 161 6.93 3.75 -9.31
N HIS A 162 6.74 2.97 -8.22
CA HIS A 162 5.51 2.21 -7.98
C HIS A 162 5.26 2.02 -6.50
N GLY A 163 4.11 2.42 -6.01
CA GLY A 163 3.72 2.22 -4.62
C GLY A 163 2.88 0.95 -4.41
N VAL A 164 3.23 0.21 -3.37
CA VAL A 164 2.68 -1.11 -3.03
C VAL A 164 2.60 -1.28 -1.51
N LEU A 165 2.22 -2.46 -1.03
CA LEU A 165 2.00 -2.69 0.42
C LEU A 165 2.70 -3.97 0.90
N LEU A 166 3.66 -3.86 1.84
CA LEU A 166 4.28 -5.02 2.47
C LEU A 166 3.28 -5.63 3.45
N VAL A 167 3.00 -6.93 3.31
CA VAL A 167 2.06 -7.63 4.18
C VAL A 167 2.67 -8.75 5.00
N GLY A 168 3.96 -9.04 4.83
CA GLY A 168 4.59 -10.13 5.58
C GLY A 168 6.02 -10.32 5.11
N TYR A 169 6.70 -11.29 5.77
CA TYR A 169 8.06 -11.69 5.44
C TYR A 169 8.26 -13.13 5.94
N ASN A 170 9.36 -13.77 5.49
CA ASN A 170 9.71 -15.10 5.99
C ASN A 170 11.24 -15.17 6.02
N ASP A 171 11.86 -15.14 7.19
CA ASP A 171 13.33 -15.23 7.33
C ASP A 171 13.80 -16.68 7.43
N SER A 172 12.91 -17.64 7.56
CA SER A 172 13.25 -19.06 7.72
C SER A 172 13.37 -19.80 6.40
N ALA A 173 12.85 -19.24 5.31
CA ALA A 173 12.85 -19.82 3.98
C ALA A 173 14.25 -19.97 3.39
N ALA A 174 14.36 -20.84 2.35
CA ALA A 174 15.69 -21.12 1.79
C ALA A 174 16.36 -19.80 1.35
N VAL A 175 15.60 -18.94 0.68
CA VAL A 175 15.89 -17.56 0.39
C VAL A 175 14.87 -16.71 1.18
N PRO A 176 15.28 -15.98 2.19
CA PRO A 176 14.32 -15.11 2.90
C PRO A 176 13.61 -14.16 1.92
N TYR A 177 12.33 -13.84 2.21
CA TYR A 177 11.53 -13.05 1.29
C TYR A 177 10.56 -12.11 1.99
N TRP A 178 10.14 -11.09 1.24
CA TRP A 178 9.02 -10.20 1.52
C TRP A 178 7.78 -10.67 0.74
N ILE A 179 6.59 -10.43 1.32
CA ILE A 179 5.29 -10.67 0.67
C ILE A 179 4.64 -9.30 0.41
N ILE A 180 4.31 -9.00 -0.86
CA ILE A 180 3.84 -7.69 -1.29
C ILE A 180 2.50 -7.77 -2.01
N LYS A 181 1.55 -6.95 -1.60
CA LYS A 181 0.26 -6.75 -2.26
C LYS A 181 0.40 -5.78 -3.43
N ASN A 182 0.11 -6.21 -4.66
CA ASN A 182 0.09 -5.32 -5.85
C ASN A 182 -1.36 -4.99 -6.19
N SER A 183 -1.54 -4.05 -7.15
CA SER A 183 -2.82 -3.52 -7.61
C SER A 183 -3.06 -3.78 -9.10
N TRP A 184 -2.68 -4.96 -9.58
CA TRP A 184 -2.71 -5.37 -10.99
C TRP A 184 -3.65 -6.56 -11.25
N THR A 185 -4.67 -6.77 -10.44
CA THR A 185 -5.63 -7.87 -10.48
C THR A 185 -5.09 -9.14 -9.83
N THR A 186 -5.98 -10.11 -9.52
CA THR A 186 -5.54 -11.39 -8.94
C THR A 186 -4.99 -12.34 -10.01
N GLN A 187 -5.16 -12.13 -11.30
CA GLN A 187 -4.57 -12.95 -12.34
C GLN A 187 -3.07 -12.78 -12.49
N TRP A 188 -2.52 -11.67 -11.99
CA TRP A 188 -1.09 -11.38 -12.00
C TRP A 188 -0.41 -11.98 -10.76
N GLY A 189 0.77 -12.56 -10.94
CA GLY A 189 1.57 -13.04 -9.80
C GLY A 189 0.97 -14.22 -9.07
N GLU A 190 1.07 -14.23 -7.72
CA GLU A 190 0.53 -15.28 -6.88
C GLU A 190 -0.80 -14.76 -6.34
N GLU A 191 -1.87 -14.90 -7.10
CA GLU A 191 -3.20 -14.33 -6.74
C GLU A 191 -3.12 -12.85 -6.44
N GLY A 192 -2.28 -12.10 -7.17
CA GLY A 192 -2.11 -10.67 -7.03
C GLY A 192 -0.96 -10.18 -6.15
N TYR A 193 -0.28 -11.11 -5.50
CA TYR A 193 0.87 -10.90 -4.64
C TYR A 193 2.17 -11.22 -5.35
N ILE A 194 3.29 -10.63 -4.87
CA ILE A 194 4.63 -10.94 -5.32
C ILE A 194 5.52 -11.18 -4.12
N ARG A 195 6.39 -12.19 -4.22
CA ARG A 195 7.47 -12.38 -3.25
C ARG A 195 8.81 -12.00 -3.91
N ILE A 196 9.58 -11.15 -3.23
CA ILE A 196 10.92 -10.72 -3.64
C ILE A 196 11.90 -11.11 -2.54
N ALA A 197 13.18 -11.34 -2.88
CA ALA A 197 14.18 -11.69 -1.85
C ALA A 197 14.36 -10.53 -0.87
N LYS A 198 14.63 -10.87 0.40
CA LYS A 198 14.78 -9.93 1.52
C LYS A 198 16.26 -9.92 1.96
N GLY A 199 16.78 -8.73 2.21
CA GLY A 199 18.13 -8.55 2.70
C GLY A 199 19.14 -7.96 1.74
N SER A 200 18.75 -7.67 0.50
CA SER A 200 19.68 -7.12 -0.51
C SER A 200 19.04 -5.91 -1.18
N ASN A 201 18.10 -5.23 -0.55
CA ASN A 201 17.45 -4.05 -1.13
C ASN A 201 16.92 -4.28 -2.53
N GLN A 202 16.28 -5.44 -2.72
CA GLN A 202 15.67 -5.78 -4.01
C GLN A 202 14.59 -4.78 -4.38
N CYS A 203 14.68 -4.28 -5.62
CA CYS A 203 13.72 -3.30 -6.13
C CYS A 203 13.71 -2.00 -5.30
N LEU A 204 14.77 -1.75 -4.55
CA LEU A 204 14.85 -0.53 -3.69
C LEU A 204 13.79 -0.48 -2.60
N VAL A 205 13.31 -1.67 -2.14
CA VAL A 205 12.18 -1.79 -1.22
C VAL A 205 12.40 -1.07 0.12
N LYS A 206 13.63 -0.89 0.60
CA LYS A 206 13.84 -0.26 1.89
C LYS A 206 13.79 1.25 1.86
N GLU A 207 13.75 1.89 0.68
CA GLU A 207 14.07 3.32 0.61
C GLU A 207 12.99 4.28 1.04
N GLU A 208 11.72 3.98 0.89
CA GLU A 208 10.59 4.85 1.13
C GLU A 208 9.43 4.10 1.78
N ALA A 209 9.65 3.62 3.00
CA ALA A 209 8.67 2.86 3.79
C ALA A 209 7.98 3.75 4.80
N SER A 210 6.63 3.68 4.91
CA SER A 210 5.94 4.53 5.87
C SER A 210 4.59 3.89 6.22
N SER A 211 3.93 4.43 7.28
CA SER A 211 2.63 3.94 7.69
C SER A 211 1.80 5.04 8.32
N ALA A 212 0.50 5.05 8.05
CA ALA A 212 -0.46 5.78 8.87
C ALA A 212 -0.48 5.27 10.35
N VAL A 213 -0.89 6.17 11.24
CA VAL A 213 -1.10 5.89 12.63
C VAL A 213 -2.60 6.09 12.92
N VAL A 214 -3.25 5.08 13.52
CA VAL A 214 -4.63 5.10 13.97
C VAL A 214 -4.59 5.24 15.50
N GLY A 215 -5.30 6.13 16.09
CA GLY A 215 -5.33 6.20 17.56
C GLY A 215 -6.33 5.33 18.23
O1 T10 B . 1.98 2.46 -10.56
C6 T10 B . 2.59 3.63 -10.06
C7 T10 B . 1.77 4.72 -10.73
O8 T10 B . 0.60 4.41 -10.90
C9 T10 B . 2.58 5.98 -11.02
C10 T10 B . 3.15 5.76 -12.46
C11 T10 B . 2.11 5.60 -13.54
C12 T10 B . 1.70 6.77 -14.24
C13 T10 B . 0.70 6.68 -15.25
C14 T10 B . 0.11 5.45 -15.59
C15 T10 B . 0.52 4.27 -14.95
C16 T10 B . 1.51 4.41 -14.00
N17 T10 B . 3.72 6.21 -10.05
C18 T10 B . 3.62 7.05 -8.98
O19 T10 B . 2.56 7.57 -8.62
C20 T10 B . 4.94 7.25 -8.21
C21 T10 B . 4.97 6.28 -7.00
C22 T10 B . 6.08 6.64 -6.00
C23 T10 B . 5.73 6.81 -4.64
C24 T10 B . 6.78 7.08 -3.74
C25 T10 B . 8.11 7.27 -4.16
C26 T10 B . 8.41 7.13 -5.53
C27 T10 B . 7.40 6.79 -6.43
N28 T10 B . 4.97 8.66 -7.77
C29 T10 B . 5.17 9.73 -8.55
O30 T10 B . 5.57 9.62 -9.70
O31 T10 B . 4.94 10.91 -7.91
C32 T10 B . 5.16 12.13 -8.70
C33 T10 B . 4.59 13.26 -7.88
C34 T10 B . 5.35 13.86 -6.86
C35 T10 B . 4.78 14.88 -6.10
C36 T10 B . 3.46 15.32 -6.33
C37 T10 B . 2.74 14.76 -7.37
C38 T10 B . 3.27 13.67 -8.12
#